data_4KK4
#
_entry.id   4KK4
#
_cell.length_a   85.840
_cell.length_b   39.340
_cell.length_c   40.670
_cell.angle_alpha   90.000
_cell.angle_beta   89.700
_cell.angle_gamma   90.000
#
_symmetry.space_group_name_H-M   'C 1 2 1'
#
loop_
_entity.id
_entity.type
_entity.pdbx_description
1 polymer 'Low molecular weight protein-tyrosine-phosphatase YwlE'
2 water water
#
_entity_poly.entity_id   1
_entity_poly.type   'polypeptide(L)'
_entity_poly.pdbx_seq_one_letter_code
;MDIIFV(SEP)TGNTCRSPMAEALFKSIAEREGLNVNVRSAGVFASPNGKATPHAVEALFEKHIALNHVSSPLTEELMES
ADLVLAMTHQHKQIIASQFGRYRDKVFTLKEYVTGSHGDVLDPFGGSIDIYKQTRDELEELLRQLAKQLKKDRRLE
;
_entity_poly.pdbx_strand_id   A
#
# COMPACT_ATOMS: atom_id res chain seq x y z
N MET A 1 4.16 14.42 0.48
N MET A 1 5.19 13.10 2.66
CA MET A 1 4.71 13.30 1.23
CA MET A 1 4.52 13.14 1.37
C MET A 1 5.13 12.14 0.33
C MET A 1 4.89 11.92 0.53
N ASP A 2 6.03 11.31 0.86
CA ASP A 2 6.46 10.09 0.17
C ASP A 2 5.91 8.90 0.96
N ILE A 3 5.01 8.14 0.34
CA ILE A 3 4.31 7.05 1.02
C ILE A 3 4.65 5.73 0.34
N ILE A 4 4.88 4.68 1.12
CA ILE A 4 5.12 3.34 0.58
C ILE A 4 4.18 2.32 1.20
N PHE A 5 3.46 1.55 0.37
CA PHE A 5 2.61 0.47 0.84
C PHE A 5 3.38 -0.84 0.74
N VAL A 6 3.35 -1.64 1.80
CA VAL A 6 4.17 -2.86 1.83
C VAL A 6 3.32 -4.10 2.14
N SEP A 7 3.48 -5.15 1.32
CA SEP A 7 2.84 -6.45 1.60
CB SEP A 7 1.60 -6.75 0.68
OG SEP A 7 1.88 -7.00 -0.71
C SEP A 7 3.89 -7.54 1.54
O SEP A 7 5.07 -7.28 1.76
P SEP A 7 1.11 -8.33 -1.41
O1P SEP A 7 -0.45 -8.54 -1.08
O2P SEP A 7 1.31 -8.33 -3.00
O3P SEP A 7 1.79 -9.64 -0.79
N THR A 8 3.46 -8.76 1.26
CA THR A 8 4.39 -9.88 1.21
C THR A 8 5.14 -9.95 -0.12
N GLY A 9 4.39 -10.11 -1.20
CA GLY A 9 4.98 -10.36 -2.51
C GLY A 9 5.00 -9.16 -3.43
N ASN A 10 4.29 -8.11 -3.02
CA ASN A 10 4.11 -6.90 -3.83
C ASN A 10 3.46 -7.26 -5.18
N THR A 11 2.46 -8.15 -5.11
CA THR A 11 1.72 -8.56 -6.31
C THR A 11 0.21 -8.33 -6.18
N CYS A 12 -0.28 -8.10 -4.96
CA CYS A 12 -1.73 -8.03 -4.75
C CYS A 12 -2.17 -6.80 -3.98
N ARG A 13 -2.12 -6.87 -2.65
CA ARG A 13 -2.65 -5.77 -1.84
C ARG A 13 -1.88 -4.47 -2.05
N SER A 14 -0.56 -4.54 -2.00
CA SER A 14 0.24 -3.32 -2.05
C SER A 14 0.21 -2.62 -3.41
N PRO A 15 0.28 -3.36 -4.53
CA PRO A 15 0.10 -2.66 -5.82
C PRO A 15 -1.32 -2.14 -6.01
N MET A 16 -2.31 -2.88 -5.50
CA MET A 16 -3.68 -2.36 -5.53
C MET A 16 -3.78 -1.08 -4.72
N ALA A 17 -3.21 -1.08 -3.52
CA ALA A 17 -3.23 0.11 -2.67
C ALA A 17 -2.57 1.30 -3.37
N GLU A 18 -1.42 1.07 -3.96
CA GLU A 18 -0.68 2.13 -4.66
C GLU A 18 -1.51 2.74 -5.81
N ALA A 19 -2.11 1.88 -6.62
CA ALA A 19 -2.88 2.35 -7.76
C ALA A 19 -4.16 3.06 -7.34
N LEU A 20 -4.85 2.52 -6.34
CA LEU A 20 -6.07 3.13 -5.85
C LEU A 20 -5.72 4.48 -5.23
N PHE A 21 -4.68 4.50 -4.41
CA PHE A 21 -4.31 5.75 -3.75
C PHE A 21 -3.84 6.84 -4.72
N LYS A 22 -3.09 6.46 -5.74
CA LYS A 22 -2.65 7.45 -6.74
C LYS A 22 -3.87 8.10 -7.37
N SER A 23 -4.85 7.28 -7.72
CA SER A 23 -6.08 7.74 -8.33
C SER A 23 -6.89 8.67 -7.43
N ILE A 24 -7.05 8.28 -6.17
CA ILE A 24 -7.74 9.07 -5.15
C ILE A 24 -7.01 10.39 -4.90
N ALA A 25 -5.70 10.33 -4.70
CA ALA A 25 -4.94 11.53 -4.38
C ALA A 25 -4.97 12.54 -5.51
N GLU A 26 -4.99 12.05 -6.74
CA GLU A 26 -5.01 12.96 -7.88
C GLU A 26 -6.37 13.64 -8.03
N ARG A 27 -7.44 12.93 -7.67
CA ARG A 27 -8.77 13.51 -7.63
C ARG A 27 -8.82 14.64 -6.62
N GLU A 28 -8.14 14.45 -5.50
CA GLU A 28 -8.24 15.39 -4.40
C GLU A 28 -7.14 16.46 -4.40
N GLY A 29 -6.21 16.36 -5.36
CA GLY A 29 -5.12 17.30 -5.43
C GLY A 29 -4.12 17.19 -4.28
N LEU A 30 -3.87 15.97 -3.82
CA LEU A 30 -2.83 15.74 -2.82
C LEU A 30 -1.46 15.73 -3.45
N ASN A 31 -0.48 16.32 -2.79
CA ASN A 31 0.90 16.27 -3.27
C ASN A 31 1.66 15.09 -2.65
N VAL A 32 1.51 13.92 -3.23
CA VAL A 32 2.14 12.71 -2.69
C VAL A 32 2.93 11.96 -3.74
N ASN A 33 3.99 11.27 -3.30
CA ASN A 33 4.68 10.30 -4.14
C ASN A 33 4.34 8.94 -3.58
N VAL A 34 3.74 8.08 -4.39
CA VAL A 34 3.25 6.81 -3.88
C VAL A 34 4.03 5.64 -4.47
N ARG A 35 4.49 4.74 -3.61
CA ARG A 35 5.19 3.54 -4.11
C ARG A 35 4.71 2.31 -3.36
N SER A 36 5.10 1.13 -3.85
CA SER A 36 4.80 -0.10 -3.10
C SER A 36 5.98 -1.05 -3.16
N ALA A 37 6.04 -1.96 -2.18
CA ALA A 37 7.13 -2.91 -2.11
C ALA A 37 6.67 -4.15 -1.33
N GLY A 38 7.45 -5.23 -1.42
CA GLY A 38 7.12 -6.44 -0.68
C GLY A 38 8.30 -6.89 0.19
N VAL A 39 8.00 -7.43 1.36
CA VAL A 39 9.07 -7.93 2.24
C VAL A 39 9.70 -9.22 1.69
N PHE A 40 8.93 -9.99 0.94
CA PHE A 40 9.46 -11.18 0.25
C PHE A 40 9.09 -11.11 -1.22
N ALA A 41 9.52 -10.04 -1.88
CA ALA A 41 9.16 -9.85 -3.27
C ALA A 41 10.27 -10.32 -4.19
N SER A 42 9.87 -10.95 -5.29
CA SER A 42 10.79 -11.21 -6.38
C SER A 42 10.39 -10.24 -7.48
N PRO A 43 11.28 -9.29 -7.81
CA PRO A 43 10.97 -8.32 -8.88
C PRO A 43 10.82 -9.03 -10.23
N ASN A 44 10.53 -8.24 -11.27
CA ASN A 44 10.12 -8.73 -12.59
C ASN A 44 8.66 -9.13 -12.52
N GLY A 45 8.12 -9.11 -11.32
CA GLY A 45 6.76 -9.54 -11.08
C GLY A 45 5.73 -8.55 -11.54
N LYS A 46 4.77 -9.04 -12.32
CA LYS A 46 3.56 -8.28 -12.58
C LYS A 46 2.64 -8.42 -11.37
N ALA A 47 1.67 -7.53 -11.26
CA ALA A 47 0.57 -7.76 -10.34
C ALA A 47 -0.17 -9.02 -10.79
N THR A 48 -0.83 -9.71 -9.85
CA THR A 48 -1.58 -10.90 -10.25
C THR A 48 -2.74 -10.52 -11.17
N PRO A 49 -3.13 -11.44 -12.05
CA PRO A 49 -4.24 -11.18 -12.97
C PRO A 49 -5.52 -10.74 -12.26
N HIS A 50 -5.87 -11.35 -11.12
CA HIS A 50 -7.09 -10.93 -10.43
C HIS A 50 -6.98 -9.53 -9.83
N ALA A 51 -5.80 -9.16 -9.37
CA ALA A 51 -5.57 -7.79 -8.88
C ALA A 51 -5.80 -6.80 -10.04
N VAL A 52 -5.22 -7.12 -11.20
CA VAL A 52 -5.38 -6.24 -12.35
C VAL A 52 -6.85 -6.12 -12.76
N GLU A 53 -7.54 -7.25 -12.79
CA GLU A 53 -8.94 -7.32 -13.21
C GLU A 53 -9.84 -6.55 -12.24
N ALA A 54 -9.59 -6.69 -10.95
CA ALA A 54 -10.32 -5.94 -9.93
C ALA A 54 -10.23 -4.41 -10.10
N LEU A 55 -9.05 -3.89 -10.40
CA LEU A 55 -8.91 -2.45 -10.61
C LEU A 55 -9.46 -2.02 -11.97
N PHE A 56 -9.28 -2.90 -12.96
CA PHE A 56 -9.76 -2.64 -14.31
C PHE A 56 -11.24 -2.30 -14.30
N GLU A 57 -12.01 -3.00 -13.48
CA GLU A 57 -13.45 -2.77 -13.37
C GLU A 57 -13.76 -1.36 -12.89
N LYS A 58 -12.85 -0.80 -12.10
CA LYS A 58 -13.00 0.57 -11.62
C LYS A 58 -12.29 1.58 -12.52
N HIS A 59 -11.92 1.13 -13.72
CA HIS A 59 -11.28 1.99 -14.72
C HIS A 59 -9.92 2.50 -14.25
N ILE A 60 -9.18 1.64 -13.57
CA ILE A 60 -7.79 1.91 -13.20
C ILE A 60 -6.91 0.82 -13.81
N ALA A 61 -5.87 1.23 -14.52
CA ALA A 61 -4.93 0.28 -15.12
C ALA A 61 -3.79 -0.01 -14.14
N LEU A 62 -3.73 -1.24 -13.65
CA LEU A 62 -2.74 -1.60 -12.65
C LEU A 62 -1.51 -2.13 -13.38
N ASN A 63 -0.67 -1.24 -13.84
CA ASN A 63 0.55 -1.65 -14.52
C ASN A 63 1.69 -1.51 -13.54
N HIS A 64 2.28 -2.64 -13.19
CA HIS A 64 3.13 -2.69 -12.02
C HIS A 64 4.30 -3.65 -12.19
N VAL A 65 5.43 -3.26 -11.63
CA VAL A 65 6.58 -4.15 -11.55
C VAL A 65 6.91 -4.38 -10.08
N SER A 66 6.85 -5.64 -9.64
CA SER A 66 7.13 -6.02 -8.25
C SER A 66 8.54 -5.59 -7.84
N SER A 67 8.69 -5.24 -6.57
CA SER A 67 9.97 -4.71 -6.08
C SER A 67 10.18 -5.05 -4.61
N PRO A 68 11.42 -5.41 -4.26
CA PRO A 68 11.74 -5.67 -2.86
C PRO A 68 11.84 -4.35 -2.09
N LEU A 69 11.58 -4.42 -0.80
CA LEU A 69 11.79 -3.28 0.08
C LEU A 69 13.30 -3.13 0.26
N THR A 70 13.81 -1.92 0.01
CA THR A 70 15.24 -1.63 0.15
C THR A 70 15.50 -0.57 1.22
N GLU A 71 16.75 -0.48 1.67
CA GLU A 71 17.15 0.53 2.66
C GLU A 71 16.97 1.92 2.07
N GLU A 72 17.21 2.05 0.77
CA GLU A 72 17.01 3.32 0.07
C GLU A 72 15.55 3.76 0.09
N LEU A 73 14.64 2.81 -0.14
CA LEU A 73 13.20 3.09 -0.06
C LEU A 73 12.78 3.50 1.34
N MET A 74 13.30 2.80 2.35
CA MET A 74 12.93 3.08 3.74
C MET A 74 13.38 4.47 4.16
N GLU A 75 14.46 4.94 3.58
CA GLU A 75 15.05 6.22 3.97
C GLU A 75 14.29 7.40 3.37
N SER A 76 13.88 7.29 2.12
CA SER A 76 13.19 8.39 1.44
C SER A 76 11.73 8.53 1.89
N ALA A 77 11.16 7.43 2.39
CA ALA A 77 9.75 7.44 2.79
C ALA A 77 9.50 8.37 3.97
N ASP A 78 8.35 9.04 3.95
CA ASP A 78 7.86 9.74 5.12
C ASP A 78 6.98 8.78 5.91
N LEU A 79 6.26 7.92 5.19
CA LEU A 79 5.34 7.01 5.85
C LEU A 79 5.38 5.64 5.17
N VAL A 80 5.44 4.58 5.96
CA VAL A 80 5.44 3.23 5.44
C VAL A 80 4.23 2.48 6.03
N LEU A 81 3.32 2.07 5.17
CA LEU A 81 2.06 1.50 5.63
C LEU A 81 2.01 0.03 5.24
N ALA A 82 2.05 -0.82 6.27
CA ALA A 82 2.09 -2.25 6.06
C ALA A 82 0.67 -2.82 6.07
N MET A 83 0.47 -3.93 5.38
CA MET A 83 -0.88 -4.50 5.33
C MET A 83 -1.25 -5.21 6.62
N THR A 84 -0.30 -5.93 7.22
CA THR A 84 -0.60 -6.66 8.44
C THR A 84 0.43 -6.33 9.52
N HIS A 85 0.11 -6.70 10.75
CA HIS A 85 1.07 -6.53 11.85
C HIS A 85 2.33 -7.35 11.64
N GLN A 86 2.19 -8.51 11.01
CA GLN A 86 3.38 -9.34 10.74
C GLN A 86 4.32 -8.65 9.76
N HIS A 87 3.77 -7.99 8.74
CA HIS A 87 4.60 -7.19 7.84
C HIS A 87 5.33 -6.11 8.60
N LYS A 88 4.62 -5.45 9.51
CA LYS A 88 5.20 -4.36 10.27
C LYS A 88 6.44 -4.85 11.01
N GLN A 89 6.31 -6.01 11.64
CA GLN A 89 7.40 -6.56 12.47
C GLN A 89 8.56 -7.06 11.63
N ILE A 90 8.26 -7.63 10.46
CA ILE A 90 9.29 -8.06 9.52
C ILE A 90 10.09 -6.86 9.01
N ILE A 91 9.39 -5.79 8.65
CA ILE A 91 10.05 -4.56 8.21
C ILE A 91 10.94 -4.01 9.32
N ALA A 92 10.39 -3.98 10.54
CA ALA A 92 11.12 -3.48 11.70
C ALA A 92 12.38 -4.29 12.02
N SER A 93 12.34 -5.60 11.80
CA SER A 93 13.51 -6.42 12.08
C SER A 93 14.60 -6.21 11.04
N GLN A 94 14.21 -5.87 9.81
CA GLN A 94 15.17 -5.72 8.72
C GLN A 94 15.65 -4.27 8.56
N PHE A 95 14.81 -3.32 8.94
CA PHE A 95 15.13 -1.91 8.76
C PHE A 95 14.85 -1.12 10.04
N GLY A 96 15.40 -1.61 11.15
CA GLY A 96 15.14 -1.05 12.48
C GLY A 96 15.36 0.44 12.63
N ARG A 97 16.32 0.96 11.88
CA ARG A 97 16.63 2.38 11.87
C ARG A 97 15.42 3.25 11.51
N TYR A 98 14.43 2.65 10.85
CA TYR A 98 13.31 3.42 10.30
C TYR A 98 11.95 2.99 10.86
N ARG A 99 11.97 2.29 11.98
CA ARG A 99 10.75 1.78 12.60
C ARG A 99 9.68 2.84 12.87
N ASP A 100 10.11 4.07 13.13
CA ASP A 100 9.20 5.14 13.54
C ASP A 100 8.26 5.60 12.42
N LYS A 101 8.54 5.22 11.19
CA LYS A 101 7.64 5.58 10.10
C LYS A 101 6.75 4.43 9.68
N VAL A 102 6.86 3.29 10.37
CA VAL A 102 6.12 2.09 9.95
C VAL A 102 4.88 1.83 10.79
N PHE A 103 3.72 1.75 10.14
CA PHE A 103 2.46 1.47 10.83
C PHE A 103 1.65 0.54 9.96
N THR A 104 0.71 -0.20 10.54
CA THR A 104 -0.26 -0.88 9.66
C THR A 104 -1.22 0.16 9.07
N LEU A 105 -1.76 -0.16 7.89
CA LEU A 105 -2.67 0.74 7.23
C LEU A 105 -3.89 0.99 8.12
N LYS A 106 -4.43 -0.07 8.71
CA LYS A 106 -5.64 0.08 9.53
C LYS A 106 -5.38 0.87 10.79
N GLU A 107 -4.27 0.61 11.46
CA GLU A 107 -4.00 1.34 12.70
C GLU A 107 -3.75 2.83 12.42
N TYR A 108 -3.05 3.14 11.34
CA TYR A 108 -2.76 4.54 11.03
C TYR A 108 -4.06 5.31 10.70
N VAL A 109 -4.92 4.70 9.91
CA VAL A 109 -6.12 5.37 9.43
C VAL A 109 -7.28 5.32 10.44
N THR A 110 -7.45 4.18 11.10
CA THR A 110 -8.65 3.99 11.94
C THR A 110 -8.35 3.95 13.43
N GLY A 111 -7.10 3.73 13.78
CA GLY A 111 -6.73 3.59 15.18
C GLY A 111 -7.00 2.20 15.71
N SER A 112 -7.52 1.33 14.84
CA SER A 112 -7.83 -0.02 15.23
C SER A 112 -6.73 -0.95 14.78
N HIS A 113 -6.40 -1.91 15.63
CA HIS A 113 -5.50 -2.97 15.23
C HIS A 113 -6.31 -3.87 14.32
N GLY A 114 -5.79 -4.13 13.13
CA GLY A 114 -6.47 -4.96 12.17
C GLY A 114 -5.56 -5.18 10.98
N ASP A 115 -5.80 -6.25 10.25
CA ASP A 115 -4.97 -6.59 9.11
C ASP A 115 -5.79 -6.47 7.83
N VAL A 116 -5.15 -6.13 6.72
CA VAL A 116 -5.75 -6.32 5.40
C VAL A 116 -5.31 -7.72 4.95
N LEU A 117 -6.24 -8.67 4.96
CA LEU A 117 -5.86 -10.08 4.75
C LEU A 117 -5.50 -10.42 3.31
N ASP A 118 -4.70 -11.48 3.16
CA ASP A 118 -4.09 -11.84 1.88
C ASP A 118 -5.12 -12.46 0.95
N PRO A 119 -5.31 -11.87 -0.24
CA PRO A 119 -6.24 -12.44 -1.22
C PRO A 119 -5.57 -13.45 -2.16
N PHE A 120 -4.25 -13.61 -2.07
CA PHE A 120 -3.50 -14.42 -3.05
C PHE A 120 -4.07 -15.82 -3.22
N GLY A 121 -4.30 -16.22 -4.46
CA GLY A 121 -4.83 -17.54 -4.77
C GLY A 121 -6.35 -17.59 -4.66
N GLY A 122 -6.96 -16.48 -4.29
CA GLY A 122 -8.40 -16.43 -4.12
C GLY A 122 -9.12 -16.10 -5.41
N SER A 123 -10.44 -16.22 -5.38
CA SER A 123 -11.26 -15.93 -6.55
C SER A 123 -11.30 -14.44 -6.82
N ILE A 124 -11.85 -14.08 -7.98
CA ILE A 124 -12.01 -12.68 -8.33
C ILE A 124 -12.87 -11.95 -7.29
N ASP A 125 -13.86 -12.62 -6.71
CA ASP A 125 -14.68 -11.93 -5.70
C ASP A 125 -13.88 -11.61 -4.43
N ILE A 126 -12.94 -12.49 -4.07
CA ILE A 126 -12.04 -12.21 -2.94
C ILE A 126 -11.23 -10.93 -3.23
N TYR A 127 -10.74 -10.81 -4.46
CA TYR A 127 -10.00 -9.60 -4.82
C TYR A 127 -10.86 -8.35 -4.86
N LYS A 128 -12.08 -8.46 -5.34
CA LYS A 128 -12.97 -7.30 -5.36
C LYS A 128 -13.30 -6.84 -3.94
N GLN A 129 -13.45 -7.79 -3.02
CA GLN A 129 -13.68 -7.44 -1.62
C GLN A 129 -12.46 -6.76 -0.99
N THR A 130 -11.27 -7.23 -1.36
CA THR A 130 -10.03 -6.60 -0.91
C THR A 130 -9.92 -5.19 -1.47
N ARG A 131 -10.23 -5.04 -2.76
CA ARG A 131 -10.25 -3.71 -3.39
C ARG A 131 -11.16 -2.77 -2.62
N ASP A 132 -12.35 -3.24 -2.28
CA ASP A 132 -13.34 -2.38 -1.63
C ASP A 132 -12.91 -2.00 -0.22
N GLU A 133 -12.34 -2.96 0.51
CA GLU A 133 -11.74 -2.69 1.82
C GLU A 133 -10.63 -1.63 1.74
N LEU A 134 -9.74 -1.81 0.77
CA LEU A 134 -8.65 -0.87 0.56
C LEU A 134 -9.15 0.53 0.20
N GLU A 135 -10.09 0.61 -0.74
CA GLU A 135 -10.60 1.89 -1.19
C GLU A 135 -11.18 2.70 -0.03
N GLU A 136 -11.92 2.03 0.83
CA GLU A 136 -12.49 2.69 2.00
C GLU A 136 -11.40 3.28 2.91
N LEU A 137 -10.39 2.46 3.21
CA LEU A 137 -9.28 2.91 4.04
C LEU A 137 -8.53 4.05 3.37
N LEU A 138 -8.33 3.95 2.06
CA LEU A 138 -7.48 4.89 1.33
C LEU A 138 -8.18 6.23 1.12
N ARG A 139 -9.49 6.21 0.96
CA ARG A 139 -10.25 7.46 0.89
C ARG A 139 -10.11 8.22 2.21
N GLN A 140 -10.14 7.49 3.32
CA GLN A 140 -9.97 8.11 4.63
C GLN A 140 -8.53 8.60 4.82
N LEU A 141 -7.57 7.81 4.36
CA LEU A 141 -6.15 8.18 4.43
C LEU A 141 -5.94 9.50 3.68
N ALA A 142 -6.55 9.61 2.50
CA ALA A 142 -6.41 10.81 1.70
C ALA A 142 -6.93 12.05 2.44
N LYS A 143 -8.09 11.93 3.09
CA LYS A 143 -8.65 13.06 3.83
C LYS A 143 -7.76 13.46 4.99
N GLN A 144 -7.13 12.46 5.62
CA GLN A 144 -6.28 12.70 6.77
C GLN A 144 -4.97 13.36 6.38
N LEU A 145 -4.34 12.88 5.31
CA LEU A 145 -3.07 13.45 4.85
C LEU A 145 -3.22 14.91 4.46
N LYS A 146 -4.42 15.29 4.03
CA LYS A 146 -4.70 16.69 3.69
C LYS A 146 -4.33 17.64 4.84
N LYS A 147 -4.34 17.13 6.06
CA LYS A 147 -4.06 17.95 7.23
C LYS A 147 -2.59 17.87 7.66
N ASP A 148 -1.78 17.20 6.85
CA ASP A 148 -0.36 17.03 7.15
C ASP A 148 0.44 18.10 6.41
N ARG A 149 1.08 19.00 7.16
CA ARG A 149 1.83 20.08 6.52
C ARG A 149 3.10 19.60 5.80
N ARG A 150 3.48 18.34 5.99
CA ARG A 150 4.57 17.75 5.23
C ARG A 150 4.23 17.60 3.75
N LEU A 151 2.93 17.69 3.43
CA LEU A 151 2.49 17.75 2.03
C LEU A 151 3.02 19.01 1.33
N GLU A 152 3.83 19.79 2.06
CA GLU A 152 4.56 20.96 1.57
C GLU A 152 3.69 22.20 1.46
#